data_3WLB
#
_entry.id   3WLB
#
_cell.length_a   67.084
_cell.length_b   77.725
_cell.length_c   87.097
_cell.angle_alpha   90.00
_cell.angle_beta   90.00
_cell.angle_gamma   90.00
#
_symmetry.space_group_name_H-M   'P 21 21 21'
#
loop_
_entity.id
_entity.type
_entity.pdbx_description
1 polymer 'HLA class I histocompatibility antigen, A-24 alpha chain'
2 polymer Beta-2-microglobulin
3 polymer 'Protein Nef'
4 water water
#
loop_
_entity_poly.entity_id
_entity_poly.type
_entity_poly.pdbx_seq_one_letter_code
_entity_poly.pdbx_strand_id
1 'polypeptide(L)'
;MGSHSMRYFSTSVSRPGRGEPRFIAVGYVDDTQFVRFDSDAASQRMEPRAPWIEQEGPEYWDEETGKVKAHSQTDRENLR
IALRYYNQSEAGSHTLQMMFGCDVGSDGRFLRGYHQYAYDGKDYIALKEDLRSWTAADMAAQITKRKWEAAHVAEQQRAY
LEGTCVDGLRRYLENGKETLQRTDPPKTHMTHHPISDHEATLRCWALGFYPAEITLTWQRDGEDQTQDTELVETRPAGDG
TFQKWAAVVVPSGEEQRYTCHVQHEGLPKPLTLRW
;
A
2 'polypeptide(L)'
;MIQRTPKIQVYSRHPAENGKSNFLNCYVSGFHPSDIEVDLLKNGERIEKVEHSDLSFSKDWSFYLLYYTEFTPTEKDEYA
CRVNHVTLSQPKIVKWDRDM
;
B
3 'polypeptide(L)' NYTPGPGTRF C
#
# COMPACT_ATOMS: atom_id res chain seq x y z
N GLY A 2 -14.38 15.44 0.63
CA GLY A 2 -13.65 15.12 -0.63
C GLY A 2 -14.17 13.82 -1.20
N SER A 3 -13.51 13.34 -2.26
CA SER A 3 -13.89 12.07 -2.86
C SER A 3 -13.40 10.88 -2.02
N HIS A 4 -13.95 9.70 -2.31
CA HIS A 4 -13.58 8.48 -1.63
C HIS A 4 -13.47 7.33 -2.59
N SER A 5 -12.71 6.32 -2.20
CA SER A 5 -12.56 5.15 -3.05
C SER A 5 -12.67 3.85 -2.26
N MET A 6 -13.16 2.82 -2.93
CA MET A 6 -13.04 1.45 -2.44
C MET A 6 -12.19 0.67 -3.44
N ARG A 7 -11.22 -0.12 -2.93
CA ARG A 7 -10.32 -0.91 -3.77
C ARG A 7 -10.13 -2.27 -3.18
N TYR A 8 -10.14 -3.27 -4.05
CA TYR A 8 -9.73 -4.62 -3.68
C TYR A 8 -8.49 -4.93 -4.48
N PHE A 9 -7.48 -5.44 -3.79
CA PHE A 9 -6.19 -5.79 -4.37
C PHE A 9 -5.96 -7.27 -4.13
N SER A 10 -5.68 -8.02 -5.19
CA SER A 10 -5.41 -9.44 -5.02
C SER A 10 -4.09 -9.81 -5.64
N THR A 11 -3.40 -10.74 -5.00
CA THR A 11 -2.13 -11.27 -5.48
C THR A 11 -2.21 -12.79 -5.45
N SER A 12 -1.93 -13.41 -6.59
CA SER A 12 -1.80 -14.84 -6.74
C SER A 12 -0.36 -15.13 -7.16
N VAL A 13 0.30 -16.03 -6.43
CA VAL A 13 1.70 -16.38 -6.72
C VAL A 13 1.82 -17.89 -6.87
N SER A 14 2.25 -18.36 -8.04
CA SER A 14 2.45 -19.78 -8.21
C SER A 14 3.68 -20.24 -7.46
N ARG A 15 3.67 -21.50 -7.06
CA ARG A 15 4.81 -22.07 -6.39
C ARG A 15 5.07 -23.49 -6.87
N PRO A 16 5.72 -23.58 -8.04
CA PRO A 16 6.06 -24.85 -8.69
C PRO A 16 6.66 -25.86 -7.73
N GLY A 17 6.04 -27.04 -7.63
CA GLY A 17 6.54 -28.12 -6.78
C GLY A 17 6.17 -27.98 -5.31
N ARG A 18 5.42 -26.94 -4.97
CA ARG A 18 5.02 -26.71 -3.57
C ARG A 18 3.52 -26.45 -3.46
N GLY A 19 2.76 -27.03 -4.38
CA GLY A 19 1.31 -26.97 -4.30
C GLY A 19 0.69 -25.88 -5.16
N GLU A 20 -0.56 -25.54 -4.85
CA GLU A 20 -1.32 -24.62 -5.67
C GLU A 20 -0.90 -23.19 -5.32
N PRO A 21 -1.16 -22.22 -6.22
CA PRO A 21 -0.74 -20.85 -5.93
C PRO A 21 -1.36 -20.31 -4.64
N ARG A 22 -0.65 -19.41 -3.97
CA ARG A 22 -1.22 -18.72 -2.81
C ARG A 22 -1.93 -17.49 -3.32
N PHE A 23 -3.13 -17.25 -2.80
CA PHE A 23 -3.93 -16.11 -3.18
C PHE A 23 -4.21 -15.27 -1.93
N ILE A 24 -3.87 -13.97 -2.02
CA ILE A 24 -4.15 -12.99 -0.98
C ILE A 24 -4.94 -11.84 -1.59
N ALA A 25 -6.10 -11.52 -1.00
CA ALA A 25 -6.88 -10.34 -1.37
C ALA A 25 -7.05 -9.45 -0.15
N VAL A 26 -7.03 -8.14 -0.37
CA VAL A 26 -7.33 -7.16 0.70
C VAL A 26 -8.30 -6.12 0.17
N GLY A 27 -9.16 -5.61 1.05
CA GLY A 27 -10.05 -4.52 0.67
C GLY A 27 -9.74 -3.26 1.46
N TYR A 28 -9.82 -2.12 0.80
CA TYR A 28 -9.52 -0.81 1.39
C TYR A 28 -10.67 0.16 1.11
N VAL A 29 -10.97 1.01 2.08
CA VAL A 29 -11.73 2.22 1.84
C VAL A 29 -10.74 3.35 2.07
N ASP A 30 -10.52 4.16 1.03
CA ASP A 30 -9.43 5.14 1.00
C ASP A 30 -8.11 4.49 1.48
N ASP A 31 -7.50 5.04 2.53
CA ASP A 31 -6.27 4.47 3.08
C ASP A 31 -6.49 3.54 4.27
N THR A 32 -7.72 3.07 4.46
CA THR A 32 -8.03 2.18 5.58
C THR A 32 -8.41 0.77 5.11
N GLN A 33 -7.61 -0.22 5.49
CA GLN A 33 -7.92 -1.60 5.15
C GLN A 33 -9.13 -2.07 5.94
N PHE A 34 -9.98 -2.93 5.37
CA PHE A 34 -11.16 -3.41 6.13
C PHE A 34 -11.47 -4.91 6.06
N VAL A 35 -10.99 -5.60 5.01
CA VAL A 35 -11.10 -7.06 4.93
C VAL A 35 -9.83 -7.69 4.38
N ARG A 36 -9.66 -9.00 4.63
CA ARG A 36 -8.60 -9.78 3.96
C ARG A 36 -9.08 -11.19 3.67
N PHE A 37 -8.40 -11.85 2.73
CA PHE A 37 -8.52 -13.29 2.54
C PHE A 37 -7.17 -13.84 2.15
N ASP A 38 -6.79 -14.96 2.76
CA ASP A 38 -5.51 -15.59 2.45
C ASP A 38 -5.80 -17.07 2.24
N SER A 39 -5.52 -17.57 1.03
CA SER A 39 -5.83 -18.96 0.70
C SER A 39 -5.05 -19.96 1.54
N ASP A 40 -3.93 -19.52 2.12
CA ASP A 40 -3.14 -20.37 2.98
C ASP A 40 -3.61 -20.44 4.43
N ALA A 41 -4.51 -19.52 4.84
CA ALA A 41 -4.95 -19.48 6.23
C ALA A 41 -5.99 -20.55 6.54
N ALA A 42 -6.07 -20.93 7.81
CA ALA A 42 -6.98 -21.97 8.29
C ALA A 42 -8.46 -21.63 8.12
N SER A 43 -8.83 -20.38 8.39
CA SER A 43 -10.24 -19.96 8.42
C SER A 43 -10.97 -20.21 7.11
N GLN A 44 -10.31 -19.96 5.99
CA GLN A 44 -10.92 -20.04 4.66
C GLN A 44 -12.16 -19.14 4.55
N ARG A 45 -12.11 -18.00 5.22
CA ARG A 45 -13.17 -17.02 5.18
C ARG A 45 -12.59 -15.63 4.98
N MET A 46 -13.37 -14.73 4.37
CA MET A 46 -13.07 -13.31 4.40
C MET A 46 -13.08 -12.89 5.87
N GLU A 47 -12.09 -12.10 6.28
CA GLU A 47 -11.95 -11.71 7.69
C GLU A 47 -11.98 -10.20 7.87
N PRO A 48 -12.53 -9.70 9.00
CA PRO A 48 -12.56 -8.26 9.24
C PRO A 48 -11.19 -7.71 9.63
N ARG A 49 -10.87 -6.51 9.12
CA ARG A 49 -9.61 -5.85 9.45
C ARG A 49 -9.84 -4.39 9.86
N ALA A 50 -11.10 -4.03 10.08
CA ALA A 50 -11.46 -2.72 10.61
C ALA A 50 -12.63 -2.89 11.57
N PRO A 51 -12.71 -2.05 12.63
CA PRO A 51 -13.77 -2.22 13.61
C PRO A 51 -15.18 -2.04 13.04
N TRP A 52 -15.33 -1.11 12.11
CA TRP A 52 -16.64 -0.75 11.57
C TRP A 52 -17.23 -1.77 10.61
N ILE A 53 -16.44 -2.76 10.20
CA ILE A 53 -16.98 -3.82 9.33
C ILE A 53 -17.56 -4.99 10.12
N GLU A 54 -17.18 -5.09 11.40
CA GLU A 54 -17.59 -6.18 12.26
C GLU A 54 -19.10 -6.25 12.48
N GLN A 55 -19.78 -5.12 12.30
CA GLN A 55 -21.23 -5.08 12.45
C GLN A 55 -22.02 -5.68 11.28
N GLU A 56 -21.34 -6.02 10.18
CA GLU A 56 -22.00 -6.73 9.08
C GLU A 56 -22.41 -8.13 9.55
N GLY A 57 -23.59 -8.57 9.13
CA GLY A 57 -24.13 -9.87 9.55
C GLY A 57 -23.52 -11.09 8.87
N PRO A 58 -23.94 -12.31 9.28
CA PRO A 58 -23.40 -13.56 8.78
C PRO A 58 -23.60 -13.77 7.27
N GLU A 59 -24.68 -13.22 6.72
CA GLU A 59 -24.94 -13.33 5.29
C GLU A 59 -23.90 -12.55 4.47
N TYR A 60 -23.44 -11.42 5.03
CA TYR A 60 -22.35 -10.66 4.42
C TYR A 60 -21.07 -11.51 4.35
N TRP A 61 -20.67 -12.06 5.48
CA TRP A 61 -19.46 -12.86 5.56
C TRP A 61 -19.49 -14.12 4.73
N ASP A 62 -20.66 -14.74 4.59
CA ASP A 62 -20.81 -15.92 3.73
C ASP A 62 -20.65 -15.54 2.27
N GLU A 63 -21.38 -14.51 1.85
CA GLU A 63 -21.42 -14.09 0.46
C GLU A 63 -20.08 -13.50 -0.01
N GLU A 64 -19.41 -12.76 0.86
CA GLU A 64 -18.11 -12.18 0.53
C GLU A 64 -17.03 -13.24 0.43
N THR A 65 -17.10 -14.23 1.32
CA THR A 65 -16.20 -15.38 1.30
C THR A 65 -16.41 -16.17 0.00
N GLY A 66 -17.68 -16.35 -0.38
CA GLY A 66 -18.03 -17.03 -1.62
C GLY A 66 -17.38 -16.37 -2.81
N LYS A 67 -17.58 -15.06 -2.93
CA LYS A 67 -17.04 -14.28 -4.06
C LYS A 67 -15.51 -14.28 -4.17
N VAL A 68 -14.83 -14.11 -3.03
CA VAL A 68 -13.36 -14.08 -3.03
C VAL A 68 -12.75 -15.49 -3.24
N LYS A 69 -13.41 -16.53 -2.75
CA LYS A 69 -12.96 -17.89 -3.05
C LYS A 69 -13.07 -18.16 -4.56
N ALA A 70 -14.18 -17.75 -5.17
CA ALA A 70 -14.36 -17.93 -6.60
C ALA A 70 -13.28 -17.18 -7.39
N HIS A 71 -12.95 -15.97 -6.95
CA HIS A 71 -11.84 -15.23 -7.54
C HIS A 71 -10.54 -16.01 -7.43
N SER A 72 -10.20 -16.48 -6.24
CA SER A 72 -8.98 -17.26 -6.05
C SER A 72 -8.84 -18.40 -7.08
N GLN A 73 -9.93 -19.12 -7.32
CA GLN A 73 -9.91 -20.25 -8.26
C GLN A 73 -9.72 -19.80 -9.70
N THR A 74 -10.40 -18.70 -10.07
CA THR A 74 -10.29 -18.09 -11.39
C THR A 74 -8.85 -17.67 -11.68
N ASP A 75 -8.21 -17.00 -10.72
CA ASP A 75 -6.84 -16.52 -10.95
C ASP A 75 -5.81 -17.65 -10.94
N ARG A 76 -6.11 -18.74 -10.24
CA ARG A 76 -5.34 -19.97 -10.32
C ARG A 76 -5.37 -20.53 -11.75
N GLU A 77 -6.57 -20.54 -12.33
CA GLU A 77 -6.78 -20.92 -13.72
C GLU A 77 -6.07 -19.95 -14.66
N ASN A 78 -6.19 -18.66 -14.37
CA ASN A 78 -5.55 -17.61 -15.20
C ASN A 78 -4.03 -17.68 -15.24
N LEU A 79 -3.43 -18.01 -14.09
CA LEU A 79 -1.99 -18.29 -14.05
C LEU A 79 -1.60 -19.43 -14.98
N ARG A 80 -2.39 -20.51 -14.99
CA ARG A 80 -2.12 -21.62 -15.92
C ARG A 80 -2.30 -21.22 -17.38
N ILE A 81 -3.34 -20.43 -17.64
CA ILE A 81 -3.63 -19.97 -19.01
C ILE A 81 -2.50 -19.08 -19.54
N ALA A 82 -2.07 -18.12 -18.72
CA ALA A 82 -0.95 -17.23 -19.07
C ALA A 82 0.32 -17.99 -19.42
N LEU A 83 0.67 -19.01 -18.60
CA LEU A 83 1.86 -19.83 -18.86
C LEU A 83 1.82 -20.38 -20.27
N ARG A 84 0.66 -20.90 -20.64
CA ARG A 84 0.46 -21.51 -21.93
C ARG A 84 0.52 -20.47 -23.03
N TYR A 85 -0.12 -19.31 -22.81
CA TYR A 85 -0.10 -18.24 -23.81
C TYR A 85 1.34 -17.83 -24.14
N TYR A 86 2.17 -17.71 -23.10
CA TYR A 86 3.54 -17.25 -23.26
C TYR A 86 4.54 -18.38 -23.48
N ASN A 87 4.07 -19.62 -23.36
CA ASN A 87 4.94 -20.82 -23.39
C ASN A 87 6.10 -20.75 -22.39
N GLN A 88 5.80 -20.32 -21.18
CA GLN A 88 6.78 -20.21 -20.12
C GLN A 88 6.88 -21.52 -19.37
N SER A 89 8.07 -21.78 -18.81
CA SER A 89 8.37 -23.01 -18.09
C SER A 89 7.50 -23.15 -16.83
N GLU A 90 7.02 -24.37 -16.60
CA GLU A 90 6.31 -24.73 -15.36
C GLU A 90 7.18 -24.66 -14.11
N ALA A 91 8.51 -24.58 -14.30
CA ALA A 91 9.45 -24.56 -13.17
C ALA A 91 9.62 -23.19 -12.52
N GLY A 92 9.11 -22.14 -13.18
CA GLY A 92 9.24 -20.78 -12.68
C GLY A 92 7.99 -20.28 -11.95
N SER A 93 8.18 -19.46 -10.93
CA SER A 93 7.06 -18.87 -10.20
C SER A 93 6.55 -17.64 -10.97
N HIS A 94 5.24 -17.48 -11.04
CA HIS A 94 4.66 -16.29 -11.66
C HIS A 94 3.64 -15.65 -10.77
N THR A 95 3.40 -14.36 -10.99
CA THR A 95 2.51 -13.55 -10.16
C THR A 95 1.40 -12.94 -10.99
N LEU A 96 0.17 -13.04 -10.51
CA LEU A 96 -0.94 -12.37 -11.16
C LEU A 96 -1.64 -11.50 -10.14
N GLN A 97 -1.69 -10.21 -10.44
CA GLN A 97 -2.31 -9.23 -9.55
C GLN A 97 -3.55 -8.64 -10.19
N MET A 98 -4.56 -8.40 -9.36
CA MET A 98 -5.76 -7.76 -9.84
C MET A 98 -6.16 -6.62 -8.92
N MET A 99 -6.77 -5.60 -9.50
CA MET A 99 -7.30 -4.48 -8.75
C MET A 99 -8.70 -4.16 -9.30
N PHE A 100 -9.65 -3.95 -8.41
CA PHE A 100 -10.95 -3.42 -8.85
C PHE A 100 -11.55 -2.56 -7.75
N GLY A 101 -12.47 -1.69 -8.15
CA GLY A 101 -13.14 -0.82 -7.19
C GLY A 101 -13.70 0.43 -7.82
N CYS A 102 -14.12 1.38 -6.99
CA CYS A 102 -14.82 2.56 -7.51
C CYS A 102 -14.46 3.80 -6.71
N ASP A 103 -14.56 4.96 -7.36
CA ASP A 103 -14.47 6.25 -6.68
C ASP A 103 -15.85 6.89 -6.66
N VAL A 104 -16.17 7.57 -5.56
CA VAL A 104 -17.33 8.47 -5.48
C VAL A 104 -16.86 9.88 -5.12
N GLY A 105 -17.67 10.89 -5.47
CA GLY A 105 -17.36 12.27 -5.16
C GLY A 105 -17.80 12.63 -3.75
N SER A 106 -17.63 13.90 -3.39
CA SER A 106 -17.86 14.38 -2.03
C SER A 106 -19.30 14.25 -1.54
N ASP A 107 -20.26 14.05 -2.45
CA ASP A 107 -21.62 13.76 -1.99
C ASP A 107 -22.12 12.40 -2.45
N GLY A 108 -21.19 11.54 -2.83
CA GLY A 108 -21.46 10.11 -2.96
C GLY A 108 -21.87 9.62 -4.34
N ARG A 109 -21.77 10.50 -5.33
CA ARG A 109 -22.08 10.10 -6.71
C ARG A 109 -20.87 9.37 -7.35
N PHE A 110 -21.17 8.39 -8.19
CA PHE A 110 -20.14 7.62 -8.87
C PHE A 110 -19.23 8.53 -9.69
N LEU A 111 -17.92 8.32 -9.56
CA LEU A 111 -16.94 9.12 -10.26
C LEU A 111 -16.19 8.27 -11.29
N ARG A 112 -15.70 7.10 -10.85
CA ARG A 112 -14.83 6.28 -11.67
C ARG A 112 -14.86 4.83 -11.20
N GLY A 113 -14.64 3.90 -12.15
CA GLY A 113 -14.55 2.47 -11.82
C GLY A 113 -13.31 1.82 -12.41
N TYR A 114 -12.83 0.74 -11.77
CA TYR A 114 -11.61 0.06 -12.22
C TYR A 114 -11.75 -1.45 -12.22
N HIS A 115 -11.01 -2.10 -13.12
CA HIS A 115 -10.98 -3.55 -13.22
C HIS A 115 -9.80 -3.90 -14.09
N GLN A 116 -8.69 -4.27 -13.46
CA GLN A 116 -7.46 -4.49 -14.20
C GLN A 116 -6.56 -5.55 -13.61
N TYR A 117 -5.69 -6.09 -14.46
CA TYR A 117 -4.80 -7.19 -14.11
C TYR A 117 -3.37 -6.81 -14.49
N ALA A 118 -2.41 -7.30 -13.71
CA ALA A 118 -1.01 -7.30 -14.11
C ALA A 118 -0.44 -8.69 -13.96
N TYR A 119 0.45 -9.06 -14.87
CA TYR A 119 1.10 -10.36 -14.85
C TYR A 119 2.59 -10.11 -14.69
N ASP A 120 3.18 -10.68 -13.64
CA ASP A 120 4.60 -10.47 -13.34
C ASP A 120 4.99 -8.99 -13.28
N GLY A 121 4.11 -8.20 -12.67
CA GLY A 121 4.38 -6.80 -12.42
C GLY A 121 4.09 -5.84 -13.58
N LYS A 122 3.66 -6.36 -14.73
CA LYS A 122 3.36 -5.51 -15.88
C LYS A 122 1.90 -5.58 -16.25
N ASP A 123 1.30 -4.42 -16.56
CA ASP A 123 -0.10 -4.36 -16.99
C ASP A 123 -0.37 -5.45 -18.01
N TYR A 124 -1.49 -6.15 -17.84
CA TYR A 124 -1.87 -7.20 -18.76
C TYR A 124 -3.12 -6.72 -19.52
N ILE A 125 -4.19 -6.49 -18.79
CA ILE A 125 -5.43 -5.99 -19.35
C ILE A 125 -6.13 -5.07 -18.35
N ALA A 126 -6.80 -4.02 -18.85
CA ALA A 126 -7.53 -3.08 -18.01
C ALA A 126 -8.78 -2.56 -18.69
N LEU A 127 -9.85 -2.44 -17.90
CA LEU A 127 -11.06 -1.78 -18.33
C LEU A 127 -10.74 -0.28 -18.43
N LYS A 128 -10.99 0.30 -19.60
CA LYS A 128 -10.77 1.73 -19.81
C LYS A 128 -11.76 2.54 -18.98
N GLU A 129 -11.46 3.83 -18.81
CA GLU A 129 -12.31 4.68 -17.98
C GLU A 129 -13.77 4.72 -18.43
N ASP A 130 -14.01 4.56 -19.74
CA ASP A 130 -15.40 4.58 -20.25
C ASP A 130 -16.23 3.38 -19.80
N LEU A 131 -15.56 2.37 -19.24
CA LEU A 131 -16.17 1.14 -18.75
C LEU A 131 -16.85 0.37 -19.87
N ARG A 132 -16.38 0.60 -21.09
CA ARG A 132 -16.98 -0.04 -22.26
C ARG A 132 -15.98 -0.84 -23.08
N SER A 133 -14.68 -0.58 -22.91
CA SER A 133 -13.68 -1.27 -23.70
C SER A 133 -12.39 -1.57 -22.92
N TRP A 134 -11.57 -2.43 -23.51
CA TRP A 134 -10.37 -2.94 -22.84
C TRP A 134 -9.11 -2.42 -23.47
N THR A 135 -8.08 -2.23 -22.64
CA THR A 135 -6.71 -2.05 -23.14
C THR A 135 -5.90 -3.31 -22.86
N ALA A 136 -5.36 -3.94 -23.91
CA ALA A 136 -4.52 -5.13 -23.79
C ALA A 136 -3.05 -4.77 -24.03
N ALA A 137 -2.16 -5.24 -23.15
CA ALA A 137 -0.75 -4.81 -23.22
C ALA A 137 0.09 -5.51 -24.30
N ASP A 138 -0.36 -6.68 -24.77
CA ASP A 138 0.39 -7.48 -25.73
C ASP A 138 -0.52 -8.49 -26.44
N MET A 139 0.09 -9.36 -27.25
CA MET A 139 -0.67 -10.32 -28.05
C MET A 139 -1.42 -11.36 -27.21
N ALA A 140 -0.86 -11.72 -26.05
CA ALA A 140 -1.53 -12.66 -25.16
C ALA A 140 -2.81 -12.03 -24.59
N ALA A 141 -2.70 -10.80 -24.08
CA ALA A 141 -3.86 -10.07 -23.56
C ALA A 141 -4.88 -9.73 -24.65
N GLN A 142 -4.42 -9.60 -25.89
CA GLN A 142 -5.35 -9.48 -27.03
C GLN A 142 -6.30 -10.66 -27.13
N ILE A 143 -5.82 -11.87 -26.86
CA ILE A 143 -6.69 -13.06 -26.88
C ILE A 143 -7.77 -12.94 -25.79
N THR A 144 -7.33 -12.57 -24.60
CA THR A 144 -8.20 -12.33 -23.46
C THR A 144 -9.22 -11.26 -23.81
N LYS A 145 -8.74 -10.18 -24.41
CA LYS A 145 -9.60 -9.06 -24.80
C LYS A 145 -10.73 -9.55 -25.71
N ARG A 146 -10.38 -10.34 -26.73
CA ARG A 146 -11.41 -10.89 -27.64
C ARG A 146 -12.42 -11.76 -26.91
N LYS A 147 -11.95 -12.61 -26.01
CA LYS A 147 -12.84 -13.42 -25.19
C LYS A 147 -13.78 -12.56 -24.33
N TRP A 148 -13.24 -11.55 -23.67
CA TRP A 148 -14.04 -10.72 -22.77
C TRP A 148 -15.01 -9.87 -23.56
N GLU A 149 -14.62 -9.49 -24.77
CA GLU A 149 -15.53 -8.84 -25.70
C GLU A 149 -16.71 -9.73 -26.06
N ALA A 150 -16.43 -10.99 -26.44
CA ALA A 150 -17.49 -11.91 -26.81
C ALA A 150 -18.41 -12.20 -25.63
N ALA A 151 -17.84 -12.34 -24.43
CA ALA A 151 -18.62 -12.66 -23.25
C ALA A 151 -19.33 -11.45 -22.60
N HIS A 152 -19.14 -10.27 -23.17
CA HIS A 152 -19.71 -9.04 -22.58
C HIS A 152 -19.28 -8.81 -21.15
N VAL A 153 -17.99 -8.98 -20.86
CA VAL A 153 -17.49 -8.77 -19.50
C VAL A 153 -17.59 -7.30 -19.08
N ALA A 154 -17.32 -6.38 -20.02
CA ALA A 154 -17.34 -4.94 -19.74
C ALA A 154 -18.65 -4.50 -19.10
N GLU A 155 -19.77 -4.88 -19.71
CA GLU A 155 -21.09 -4.47 -19.18
C GLU A 155 -21.44 -5.14 -17.85
N GLN A 156 -20.98 -6.37 -17.64
CA GLN A 156 -21.18 -7.04 -16.35
C GLN A 156 -20.44 -6.32 -15.22
N GLN A 157 -19.15 -6.04 -15.44
CA GLN A 157 -18.37 -5.28 -14.48
C GLN A 157 -18.85 -3.84 -14.26
N ARG A 158 -19.26 -3.17 -15.35
CA ARG A 158 -19.83 -1.83 -15.24
C ARG A 158 -21.05 -1.81 -14.32
N ALA A 159 -21.95 -2.77 -14.48
CA ALA A 159 -23.11 -2.88 -13.60
C ALA A 159 -22.69 -3.00 -12.14
N TYR A 160 -21.66 -3.81 -11.88
CA TYR A 160 -21.09 -3.92 -10.54
C TYR A 160 -20.54 -2.56 -10.09
N LEU A 161 -19.68 -1.98 -10.93
CA LEU A 161 -18.91 -0.81 -10.52
C LEU A 161 -19.78 0.42 -10.20
N GLU A 162 -20.85 0.62 -10.98
CA GLU A 162 -21.75 1.76 -10.76
C GLU A 162 -22.89 1.42 -9.81
N GLY A 163 -23.03 0.14 -9.49
CA GLY A 163 -24.13 -0.30 -8.63
C GLY A 163 -23.65 -0.71 -7.26
N THR A 164 -23.47 -2.02 -7.09
CA THR A 164 -23.00 -2.62 -5.84
C THR A 164 -21.74 -2.00 -5.27
N CYS A 165 -20.72 -1.78 -6.10
CA CYS A 165 -19.48 -1.16 -5.62
C CYS A 165 -19.81 0.16 -4.90
N VAL A 166 -20.57 1.01 -5.56
CA VAL A 166 -20.92 2.33 -5.01
C VAL A 166 -21.77 2.22 -3.75
N ASP A 167 -22.76 1.32 -3.78
CA ASP A 167 -23.66 1.13 -2.63
C ASP A 167 -22.88 0.70 -1.39
N GLY A 168 -21.97 -0.26 -1.57
CA GLY A 168 -21.12 -0.74 -0.48
C GLY A 168 -20.23 0.36 0.06
N LEU A 169 -19.56 1.09 -0.85
CA LEU A 169 -18.67 2.18 -0.43
C LEU A 169 -19.42 3.24 0.40
N ARG A 170 -20.58 3.68 -0.09
CA ARG A 170 -21.47 4.57 0.67
C ARG A 170 -21.87 4.02 2.04
N ARG A 171 -22.24 2.73 2.08
CA ARG A 171 -22.60 2.09 3.35
C ARG A 171 -21.42 2.06 4.34
N TYR A 172 -20.24 1.71 3.85
CA TYR A 172 -19.05 1.67 4.70
C TYR A 172 -18.71 3.07 5.22
N LEU A 173 -18.77 4.06 4.33
CA LEU A 173 -18.45 5.44 4.69
C LEU A 173 -19.36 5.94 5.81
N GLU A 174 -20.61 5.52 5.80
CA GLU A 174 -21.57 5.91 6.83
C GLU A 174 -21.32 5.13 8.13
N ASN A 175 -21.18 3.82 8.02
CA ASN A 175 -20.94 2.96 9.18
C ASN A 175 -19.61 3.27 9.89
N GLY A 176 -18.59 3.62 9.12
CA GLY A 176 -17.30 3.98 9.69
C GLY A 176 -17.02 5.48 9.65
N LYS A 177 -18.08 6.29 9.70
CA LYS A 177 -17.93 7.74 9.48
C LYS A 177 -16.99 8.46 10.44
N GLU A 178 -16.90 8.01 11.70
CA GLU A 178 -15.98 8.64 12.66
C GLU A 178 -14.51 8.35 12.32
N THR A 179 -14.29 7.26 11.60
CA THR A 179 -12.97 6.79 11.16
C THR A 179 -12.68 7.30 9.75
N LEU A 180 -13.63 7.05 8.84
CA LEU A 180 -13.41 7.19 7.41
C LEU A 180 -13.65 8.61 6.91
N GLN A 181 -14.57 9.32 7.54
CA GLN A 181 -14.92 10.65 7.08
C GLN A 181 -14.27 11.72 7.92
N ARG A 182 -13.20 11.34 8.60
CA ARG A 182 -12.38 12.26 9.36
C ARG A 182 -11.24 12.65 8.46
N THR A 183 -10.63 13.79 8.75
CA THR A 183 -9.35 14.11 8.20
C THR A 183 -8.47 14.40 9.43
N ASP A 184 -7.23 13.91 9.42
CA ASP A 184 -6.28 14.17 10.51
C ASP A 184 -5.18 15.05 9.96
N PRO A 185 -5.11 16.32 10.39
CA PRO A 185 -4.10 17.18 9.80
C PRO A 185 -2.70 16.77 10.28
N PRO A 186 -1.65 17.06 9.48
CA PRO A 186 -0.31 16.68 9.93
C PRO A 186 0.16 17.52 11.09
N LYS A 187 0.69 16.87 12.13
CA LYS A 187 1.42 17.59 13.16
C LYS A 187 2.81 17.85 12.59
N THR A 188 3.25 19.10 12.59
CA THR A 188 4.49 19.43 11.88
C THR A 188 5.56 19.99 12.81
N HIS A 189 6.81 19.65 12.49
CA HIS A 189 7.95 20.29 13.14
C HIS A 189 9.21 20.12 12.36
N MET A 190 10.26 20.75 12.86
CA MET A 190 11.58 20.74 12.24
C MET A 190 12.63 20.35 13.26
N THR A 191 13.60 19.55 12.80
CA THR A 191 14.77 19.20 13.57
C THR A 191 16.04 19.62 12.81
N HIS A 192 17.12 19.82 13.56
CA HIS A 192 18.39 20.31 13.03
C HIS A 192 19.50 19.31 13.32
N HIS A 193 20.33 19.03 12.31
CA HIS A 193 21.37 18.01 12.45
C HIS A 193 22.67 18.47 11.87
N PRO A 194 23.62 18.92 12.73
CA PRO A 194 24.93 19.37 12.22
C PRO A 194 25.68 18.24 11.52
N ILE A 195 26.22 18.52 10.34
CA ILE A 195 27.00 17.55 9.56
C ILE A 195 28.49 17.78 9.82
N SER A 196 28.92 19.03 9.65
CA SER A 196 30.29 19.44 9.87
C SER A 196 30.24 20.84 10.48
N ASP A 197 31.40 21.50 10.54
CA ASP A 197 31.43 22.92 10.90
C ASP A 197 30.79 23.76 9.80
N HIS A 198 30.66 23.16 8.62
CA HIS A 198 30.24 23.88 7.41
C HIS A 198 28.83 23.62 6.97
N GLU A 199 28.25 22.50 7.43
CA GLU A 199 26.92 22.09 6.97
C GLU A 199 26.03 21.54 8.07
N ALA A 200 24.72 21.71 7.88
CA ALA A 200 23.72 21.14 8.77
C ALA A 200 22.51 20.66 7.96
N THR A 201 21.81 19.65 8.48
CA THR A 201 20.60 19.16 7.84
C THR A 201 19.37 19.72 8.56
N LEU A 202 18.43 20.26 7.78
CA LEU A 202 17.12 20.60 8.31
C LEU A 202 16.11 19.57 7.85
N ARG A 203 15.46 18.92 8.81
CA ARG A 203 14.44 17.94 8.48
C ARG A 203 13.07 18.43 8.90
N CYS A 204 12.17 18.48 7.92
CA CYS A 204 10.79 18.91 8.10
C CYS A 204 9.86 17.70 8.21
N TRP A 205 9.15 17.60 9.32
CA TRP A 205 8.32 16.45 9.67
C TRP A 205 6.83 16.68 9.53
N ALA A 206 6.14 15.67 9.01
CA ALA A 206 4.69 15.61 9.06
C ALA A 206 4.30 14.29 9.72
N LEU A 207 3.52 14.38 10.79
CA LEU A 207 3.19 13.21 11.61
C LEU A 207 1.69 13.14 11.92
N GLY A 208 1.20 11.92 12.13
CA GLY A 208 -0.19 11.68 12.52
C GLY A 208 -1.26 12.19 11.55
N PHE A 209 -1.00 12.12 10.25
CA PHE A 209 -1.98 12.61 9.28
C PHE A 209 -2.76 11.51 8.59
N TYR A 210 -3.98 11.87 8.18
CA TYR A 210 -4.86 10.99 7.40
C TYR A 210 -5.79 11.86 6.53
N PRO A 211 -5.97 11.49 5.24
CA PRO A 211 -5.39 10.37 4.49
C PRO A 211 -3.89 10.51 4.20
N ALA A 212 -3.33 9.54 3.51
CA ALA A 212 -1.89 9.45 3.29
C ALA A 212 -1.34 10.49 2.29
N GLU A 213 -2.18 10.92 1.36
CA GLU A 213 -1.79 11.92 0.35
C GLU A 213 -1.29 13.19 1.04
N ILE A 214 -0.05 13.58 0.73
CA ILE A 214 0.56 14.79 1.29
C ILE A 214 1.63 15.32 0.35
N THR A 215 1.94 16.62 0.44
CA THR A 215 3.07 17.21 -0.28
C THR A 215 3.94 18.02 0.69
N LEU A 216 5.24 17.73 0.68
CA LEU A 216 6.23 18.45 1.48
C LEU A 216 7.28 19.04 0.55
N THR A 217 7.46 20.35 0.57
CA THR A 217 8.43 21.00 -0.31
C THR A 217 9.34 21.94 0.48
N TRP A 218 10.63 21.90 0.18
CA TRP A 218 11.58 22.90 0.67
C TRP A 218 11.76 24.01 -0.33
N GLN A 219 11.86 25.24 0.18
CA GLN A 219 12.22 26.41 -0.62
C GLN A 219 13.43 27.09 -0.01
N ARG A 220 14.26 27.69 -0.86
CA ARG A 220 15.34 28.57 -0.40
C ARG A 220 15.06 29.95 -1.00
N ASP A 221 14.89 30.94 -0.12
CA ASP A 221 14.56 32.32 -0.51
C ASP A 221 13.31 32.42 -1.38
N GLY A 222 12.40 31.47 -1.24
CA GLY A 222 11.18 31.43 -2.02
C GLY A 222 11.30 30.59 -3.29
N GLU A 223 12.51 30.17 -3.61
CA GLU A 223 12.76 29.37 -4.82
C GLU A 223 12.56 27.91 -4.49
N ASP A 224 11.78 27.21 -5.31
CA ASP A 224 11.60 25.76 -5.14
C ASP A 224 12.93 25.04 -5.19
N GLN A 225 13.23 24.34 -4.09
CA GLN A 225 14.50 23.69 -3.88
C GLN A 225 14.29 22.18 -4.00
N THR A 226 14.83 21.58 -5.06
CA THR A 226 14.83 20.13 -5.22
C THR A 226 16.27 19.63 -5.13
N GLN A 227 17.19 20.50 -5.53
CA GLN A 227 18.62 20.26 -5.43
C GLN A 227 19.07 20.26 -3.98
N ASP A 228 19.58 19.10 -3.54
CA ASP A 228 20.05 18.87 -2.17
C ASP A 228 18.94 18.55 -1.16
N THR A 229 17.81 18.02 -1.65
CA THR A 229 16.71 17.62 -0.76
C THR A 229 16.50 16.11 -0.73
N GLU A 230 16.34 15.55 0.47
CA GLU A 230 16.00 14.14 0.61
C GLU A 230 14.56 14.00 1.09
N LEU A 231 13.82 13.12 0.43
CA LEU A 231 12.41 12.92 0.66
C LEU A 231 12.13 11.43 0.82
N VAL A 232 11.59 11.03 1.98
CA VAL A 232 11.24 9.63 2.19
C VAL A 232 9.83 9.34 1.74
N GLU A 233 9.58 8.07 1.43
CA GLU A 233 8.25 7.63 1.08
C GLU A 233 7.32 7.75 2.30
N THR A 234 6.09 8.20 2.04
CA THR A 234 5.05 8.26 3.07
C THR A 234 4.90 6.86 3.67
N ARG A 235 4.93 6.78 5.00
CA ARG A 235 4.95 5.51 5.70
C ARG A 235 3.83 5.46 6.74
N PRO A 236 3.23 4.27 6.95
CA PRO A 236 2.17 4.14 7.96
C PRO A 236 2.75 4.12 9.38
N ALA A 237 2.06 4.75 10.33
CA ALA A 237 2.48 4.73 11.72
C ALA A 237 2.05 3.44 12.40
N GLY A 238 1.03 2.78 11.88
CA GLY A 238 0.52 1.55 12.48
C GLY A 238 -0.77 1.77 13.22
N ASP A 239 -1.12 3.05 13.44
CA ASP A 239 -2.30 3.41 14.21
C ASP A 239 -3.38 4.03 13.34
N GLY A 240 -3.22 3.90 12.02
CA GLY A 240 -4.20 4.45 11.09
C GLY A 240 -3.75 5.77 10.46
N THR A 241 -2.67 6.33 10.97
CA THR A 241 -2.13 7.60 10.45
C THR A 241 -0.80 7.39 9.74
N PHE A 242 -0.31 8.46 9.10
CA PHE A 242 0.85 8.38 8.27
C PHE A 242 1.95 9.36 8.65
N GLN A 243 3.16 9.11 8.15
CA GLN A 243 4.33 9.94 8.43
C GLN A 243 5.08 10.19 7.15
N LYS A 244 5.79 11.31 7.11
CA LYS A 244 6.68 11.67 6.00
C LYS A 244 7.64 12.75 6.49
N TRP A 245 8.84 12.78 5.93
CA TRP A 245 9.72 13.91 6.14
C TRP A 245 10.49 14.33 4.90
N ALA A 246 11.01 15.54 4.94
CA ALA A 246 11.80 16.06 3.84
C ALA A 246 12.94 16.87 4.42
N ALA A 247 14.14 16.67 3.89
CA ALA A 247 15.33 17.26 4.49
C ALA A 247 16.17 18.01 3.46
N VAL A 248 16.91 19.00 3.93
CA VAL A 248 17.86 19.73 3.09
C VAL A 248 19.17 19.93 3.82
N VAL A 249 20.25 19.88 3.05
CA VAL A 249 21.56 20.18 3.58
C VAL A 249 21.78 21.68 3.34
N VAL A 250 22.12 22.38 4.42
CA VAL A 250 22.13 23.84 4.45
C VAL A 250 23.56 24.31 4.80
N PRO A 251 24.04 25.39 4.13
CA PRO A 251 25.31 25.93 4.63
C PRO A 251 25.09 26.45 6.03
N SER A 252 25.97 26.03 6.95
CA SER A 252 25.91 26.48 8.33
C SER A 252 25.69 28.00 8.39
N GLY A 253 24.69 28.42 9.15
CA GLY A 253 24.37 29.83 9.29
C GLY A 253 23.39 30.38 8.28
N GLU A 254 22.97 29.54 7.33
CA GLU A 254 22.00 29.95 6.30
C GLU A 254 20.60 29.32 6.52
N GLU A 255 20.39 28.74 7.71
CA GLU A 255 19.13 28.06 8.05
C GLU A 255 17.87 28.89 7.81
N GLN A 256 17.96 30.19 8.06
CA GLN A 256 16.78 31.07 7.99
C GLN A 256 16.31 31.44 6.59
N ARG A 257 17.13 31.14 5.58
CA ARG A 257 16.72 31.30 4.19
C ARG A 257 15.65 30.28 3.74
N TYR A 258 15.53 29.18 4.50
CA TYR A 258 14.74 28.03 4.06
C TYR A 258 13.33 27.96 4.66
N THR A 259 12.39 27.54 3.85
CA THR A 259 11.03 27.29 4.32
C THR A 259 10.57 25.92 3.87
N CYS A 260 9.87 25.22 4.76
CA CYS A 260 9.24 23.95 4.44
C CYS A 260 7.76 24.19 4.19
N HIS A 261 7.23 23.61 3.11
CA HIS A 261 5.84 23.81 2.71
C HIS A 261 5.04 22.54 2.74
N VAL A 262 3.87 22.61 3.37
CA VAL A 262 3.04 21.43 3.60
C VAL A 262 1.64 21.59 3.04
N GLN A 263 1.23 20.64 2.20
CA GLN A 263 -0.12 20.61 1.65
C GLN A 263 -0.78 19.26 2.01
N HIS A 264 -2.01 19.35 2.50
CA HIS A 264 -2.75 18.17 2.93
C HIS A 264 -4.19 18.54 3.01
N GLU A 265 -5.06 17.58 2.68
CA GLU A 265 -6.52 17.77 2.70
C GLU A 265 -7.06 18.24 4.05
N GLY A 266 -6.39 17.83 5.12
CA GLY A 266 -6.75 18.27 6.47
C GLY A 266 -6.33 19.68 6.85
N LEU A 267 -5.64 20.37 5.95
CA LEU A 267 -5.22 21.75 6.18
C LEU A 267 -6.07 22.71 5.35
N PRO A 268 -6.71 23.68 6.01
CA PRO A 268 -7.51 24.68 5.31
C PRO A 268 -6.66 25.52 4.36
N LYS A 269 -5.41 25.76 4.74
CA LYS A 269 -4.45 26.48 3.89
C LYS A 269 -3.10 25.77 3.99
N PRO A 270 -2.28 25.85 2.92
CA PRO A 270 -0.96 25.22 3.06
C PRO A 270 -0.19 25.89 4.21
N LEU A 271 0.65 25.12 4.88
CA LEU A 271 1.52 25.64 5.94
C LEU A 271 2.88 26.02 5.39
N THR A 272 3.48 27.04 5.98
CA THR A 272 4.86 27.39 5.72
C THR A 272 5.59 27.36 7.05
N LEU A 273 6.64 26.55 7.12
CA LEU A 273 7.45 26.43 8.33
C LEU A 273 8.82 27.01 8.08
N ARG A 274 9.34 27.71 9.07
CA ARG A 274 10.63 28.40 9.00
C ARG A 274 11.35 28.05 10.30
N TRP A 275 12.64 27.77 10.21
CA TRP A 275 13.45 27.41 11.37
C TRP A 275 13.65 28.59 12.28
N MET B 1 8.50 -11.06 -17.05
CA MET B 1 9.09 -10.95 -15.70
C MET B 1 9.56 -9.51 -15.43
N ILE B 2 9.86 -9.20 -14.15
CA ILE B 2 10.38 -7.89 -13.75
C ILE B 2 10.77 -7.93 -12.27
N GLN B 3 11.72 -7.08 -11.88
CA GLN B 3 12.20 -7.01 -10.50
C GLN B 3 12.34 -5.57 -10.02
N ARG B 4 11.97 -5.32 -8.76
CA ARG B 4 12.10 -4.01 -8.13
C ARG B 4 12.64 -4.17 -6.70
N THR B 5 13.67 -3.38 -6.38
CA THR B 5 14.33 -3.38 -5.09
C THR B 5 13.45 -2.74 -4.02
N PRO B 6 13.37 -3.35 -2.82
CA PRO B 6 12.55 -2.72 -1.76
C PRO B 6 13.15 -1.43 -1.20
N LYS B 7 12.32 -0.43 -0.95
CA LYS B 7 12.73 0.69 -0.15
C LYS B 7 12.48 0.31 1.30
N ILE B 8 13.40 0.67 2.18
CA ILE B 8 13.36 0.19 3.57
C ILE B 8 13.44 1.36 4.52
N GLN B 9 12.47 1.46 5.43
CA GLN B 9 12.54 2.42 6.53
C GLN B 9 12.24 1.73 7.86
N VAL B 10 13.02 2.06 8.87
CA VAL B 10 12.80 1.57 10.23
C VAL B 10 12.61 2.80 11.10
N TYR B 11 11.57 2.80 11.91
CA TYR B 11 11.16 4.03 12.61
C TYR B 11 10.17 3.67 13.72
N SER B 12 9.99 4.59 14.67
CA SER B 12 9.00 4.39 15.73
C SER B 12 7.66 5.01 15.34
N ARG B 13 6.57 4.44 15.89
CA ARG B 13 5.24 5.01 15.72
C ARG B 13 5.14 6.43 16.29
N HIS B 14 5.62 6.61 17.52
CA HIS B 14 5.62 7.91 18.17
C HIS B 14 7.04 8.35 18.39
N PRO B 15 7.29 9.68 18.47
CA PRO B 15 8.64 10.15 18.85
C PRO B 15 9.17 9.36 20.04
N ALA B 16 10.44 8.94 19.97
CA ALA B 16 11.01 8.08 21.00
C ALA B 16 11.19 8.81 22.32
N GLU B 17 10.65 8.23 23.40
CA GLU B 17 10.87 8.71 24.77
C GLU B 17 11.41 7.56 25.59
N ASN B 18 12.69 7.63 25.96
CA ASN B 18 13.34 6.54 26.68
C ASN B 18 12.51 6.04 27.86
N GLY B 19 12.28 4.74 27.90
CA GLY B 19 11.59 4.12 29.01
C GLY B 19 10.09 4.06 28.84
N LYS B 20 9.58 4.65 27.75
CA LYS B 20 8.16 4.66 27.45
C LYS B 20 7.78 3.69 26.31
N SER B 21 6.67 2.99 26.49
CA SER B 21 6.18 1.99 25.53
C SER B 21 5.92 2.62 24.16
N ASN B 22 6.26 1.90 23.10
CA ASN B 22 6.18 2.44 21.73
C ASN B 22 6.03 1.26 20.76
N PHE B 23 5.95 1.55 19.46
CA PHE B 23 6.00 0.51 18.43
C PHE B 23 7.17 0.74 17.47
N LEU B 24 7.95 -0.30 17.25
CA LEU B 24 9.04 -0.24 16.26
C LEU B 24 8.56 -0.82 14.94
N ASN B 25 8.72 -0.02 13.88
CA ASN B 25 8.19 -0.34 12.57
C ASN B 25 9.31 -0.54 11.57
N CYS B 26 9.15 -1.52 10.70
CA CYS B 26 9.94 -1.58 9.48
C CYS B 26 8.98 -1.63 8.30
N TYR B 27 9.01 -0.60 7.46
CA TYR B 27 8.15 -0.50 6.28
C TYR B 27 8.97 -0.77 5.04
N VAL B 28 8.61 -1.83 4.32
CA VAL B 28 9.25 -2.17 3.04
C VAL B 28 8.25 -1.91 1.92
N SER B 29 8.67 -1.18 0.90
CA SER B 29 7.76 -0.72 -0.15
C SER B 29 8.43 -0.73 -1.52
N GLY B 30 7.61 -0.68 -2.57
CA GLY B 30 8.10 -0.56 -3.93
C GLY B 30 8.84 -1.76 -4.47
N PHE B 31 8.57 -2.95 -3.93
CA PHE B 31 9.29 -4.14 -4.37
C PHE B 31 8.47 -5.10 -5.23
N HIS B 32 9.18 -5.98 -5.94
CA HIS B 32 8.57 -6.99 -6.78
C HIS B 32 9.65 -7.99 -7.15
N PRO B 33 9.34 -9.31 -7.05
CA PRO B 33 8.10 -9.98 -6.66
C PRO B 33 7.88 -9.93 -5.15
N SER B 34 6.83 -10.61 -4.68
CA SER B 34 6.35 -10.35 -3.33
C SER B 34 7.12 -11.06 -2.21
N ASP B 35 7.84 -12.15 -2.52
CA ASP B 35 8.59 -12.86 -1.47
C ASP B 35 9.64 -11.93 -0.87
N ILE B 36 9.56 -11.74 0.45
CA ILE B 36 10.48 -10.87 1.18
C ILE B 36 10.58 -11.35 2.64
N GLU B 37 11.75 -11.18 3.26
CA GLU B 37 11.96 -11.58 4.63
C GLU B 37 12.45 -10.40 5.41
N VAL B 38 11.83 -10.17 6.57
CA VAL B 38 12.21 -9.06 7.42
C VAL B 38 12.38 -9.55 8.85
N ASP B 39 13.50 -9.19 9.47
CA ASP B 39 13.65 -9.33 10.92
C ASP B 39 13.78 -7.95 11.56
N LEU B 40 13.23 -7.81 12.76
CA LEU B 40 13.56 -6.68 13.62
C LEU B 40 14.59 -7.16 14.64
N LEU B 41 15.58 -6.31 14.88
CA LEU B 41 16.72 -6.68 15.74
C LEU B 41 16.87 -5.76 16.95
N LYS B 42 17.03 -6.39 18.12
CA LYS B 42 17.45 -5.69 19.33
C LYS B 42 18.86 -6.13 19.69
N ASN B 43 19.80 -5.20 19.61
CA ASN B 43 21.21 -5.46 19.88
C ASN B 43 21.75 -6.67 19.09
N GLY B 44 21.43 -6.68 17.79
CA GLY B 44 21.91 -7.72 16.90
C GLY B 44 21.15 -9.03 16.91
N GLU B 45 20.18 -9.16 17.83
CA GLU B 45 19.39 -10.40 17.95
C GLU B 45 17.94 -10.25 17.49
N ARG B 46 17.39 -11.34 16.93
CA ARG B 46 16.02 -11.37 16.41
C ARG B 46 14.94 -11.16 17.47
N ILE B 47 14.10 -10.14 17.27
CA ILE B 47 12.93 -9.94 18.13
C ILE B 47 11.90 -10.98 17.70
N GLU B 48 11.27 -11.63 18.69
CA GLU B 48 10.43 -12.80 18.44
C GLU B 48 9.03 -12.50 17.92
N LYS B 49 8.31 -11.60 18.58
CA LYS B 49 6.88 -11.46 18.33
C LYS B 49 6.57 -10.36 17.30
N VAL B 50 7.22 -10.43 16.15
CA VAL B 50 7.03 -9.45 15.09
C VAL B 50 5.81 -9.82 14.25
N GLU B 51 4.92 -8.85 14.06
CA GLU B 51 3.76 -9.03 13.21
C GLU B 51 3.90 -8.24 11.93
N HIS B 52 3.08 -8.58 10.93
CA HIS B 52 3.08 -7.79 9.69
C HIS B 52 1.69 -7.57 9.16
N SER B 53 1.56 -6.55 8.31
CA SER B 53 0.29 -6.24 7.64
C SER B 53 0.02 -7.26 6.51
N ASP B 54 -1.22 -7.25 6.03
CA ASP B 54 -1.58 -8.08 4.89
C ASP B 54 -0.96 -7.56 3.59
N LEU B 55 -0.46 -8.48 2.76
CA LEU B 55 0.15 -8.10 1.48
C LEU B 55 -0.76 -7.18 0.66
N SER B 56 -0.25 -6.01 0.31
CA SER B 56 -0.94 -5.08 -0.57
C SER B 56 0.03 -4.51 -1.62
N PHE B 57 -0.48 -3.68 -2.51
CA PHE B 57 0.38 -3.08 -3.53
C PHE B 57 -0.11 -1.72 -3.99
N SER B 58 0.78 -0.99 -4.64
CA SER B 58 0.57 0.40 -5.01
C SER B 58 0.11 0.51 -6.45
N LYS B 59 -0.15 1.74 -6.88
CA LYS B 59 -0.72 1.98 -8.20
C LYS B 59 0.15 1.37 -9.29
N ASP B 60 1.46 1.33 -9.08
CA ASP B 60 2.37 0.73 -10.06
C ASP B 60 2.54 -0.79 -9.89
N TRP B 61 1.69 -1.41 -9.07
CA TRP B 61 1.71 -2.86 -8.81
C TRP B 61 2.81 -3.32 -7.87
N SER B 62 3.65 -2.39 -7.40
CA SER B 62 4.73 -2.76 -6.50
C SER B 62 4.17 -2.97 -5.09
N PHE B 63 4.76 -3.92 -4.37
CA PHE B 63 4.21 -4.37 -3.08
C PHE B 63 4.68 -3.50 -1.92
N TYR B 64 3.91 -3.52 -0.82
CA TYR B 64 4.36 -2.89 0.42
C TYR B 64 3.90 -3.69 1.63
N LEU B 65 4.73 -3.69 2.67
CA LEU B 65 4.42 -4.39 3.92
C LEU B 65 4.97 -3.64 5.12
N LEU B 66 4.18 -3.61 6.20
CA LEU B 66 4.59 -3.06 7.47
C LEU B 66 4.84 -4.19 8.46
N TYR B 67 6.07 -4.28 8.96
CA TYR B 67 6.41 -5.21 10.04
C TYR B 67 6.54 -4.36 11.31
N TYR B 68 6.04 -4.87 12.44
CA TYR B 68 5.99 -4.09 13.68
C TYR B 68 6.02 -4.91 14.95
N THR B 69 6.53 -4.29 16.00
CA THR B 69 6.52 -4.88 17.33
C THR B 69 6.45 -3.78 18.38
N GLU B 70 5.77 -4.08 19.48
CA GLU B 70 5.82 -3.24 20.67
C GLU B 70 7.28 -3.20 21.13
N PHE B 71 7.75 -2.05 21.57
CA PHE B 71 9.08 -1.94 22.18
C PHE B 71 9.18 -0.77 23.15
N THR B 72 10.18 -0.81 24.02
CA THR B 72 10.45 0.27 24.94
C THR B 72 11.87 0.76 24.67
N PRO B 73 11.98 1.89 23.95
CA PRO B 73 13.29 2.45 23.62
C PRO B 73 14.03 2.93 24.87
N THR B 74 15.35 2.81 24.85
CA THR B 74 16.18 3.26 25.95
C THR B 74 17.34 4.05 25.37
N GLU B 75 18.14 4.63 26.24
CA GLU B 75 19.30 5.39 25.81
C GLU B 75 20.27 4.52 25.02
N LYS B 76 20.49 3.29 25.47
CA LYS B 76 21.58 2.48 24.90
C LYS B 76 21.22 1.26 24.04
N ASP B 77 19.97 0.78 24.10
CA ASP B 77 19.56 -0.36 23.27
C ASP B 77 19.59 0.00 21.78
N GLU B 78 20.23 -0.86 20.99
CA GLU B 78 20.35 -0.65 19.55
C GLU B 78 19.30 -1.44 18.79
N TYR B 79 18.58 -0.78 17.89
CA TYR B 79 17.55 -1.45 17.12
C TYR B 79 17.78 -1.30 15.62
N ALA B 80 17.31 -2.29 14.86
CA ALA B 80 17.53 -2.37 13.43
C ALA B 80 16.46 -3.24 12.77
N CYS B 81 16.30 -3.09 11.46
CA CYS B 81 15.61 -4.13 10.71
C CYS B 81 16.58 -4.74 9.70
N ARG B 82 16.30 -5.97 9.29
CA ARG B 82 17.14 -6.68 8.34
C ARG B 82 16.23 -7.28 7.29
N VAL B 83 16.55 -7.02 6.03
CA VAL B 83 15.67 -7.31 4.90
C VAL B 83 16.39 -8.13 3.84
N ASN B 84 15.72 -9.19 3.38
CA ASN B 84 16.23 -9.92 2.22
C ASN B 84 15.14 -10.06 1.18
N HIS B 85 15.56 -10.00 -0.08
CA HIS B 85 14.67 -10.01 -1.23
C HIS B 85 15.53 -10.46 -2.39
N VAL B 86 14.91 -11.02 -3.42
CA VAL B 86 15.71 -11.58 -4.52
C VAL B 86 16.62 -10.52 -5.18
N THR B 87 16.19 -9.26 -5.12
CA THR B 87 16.98 -8.18 -5.74
C THR B 87 18.21 -7.79 -4.92
N LEU B 88 18.33 -8.27 -3.69
CA LEU B 88 19.45 -7.87 -2.82
C LEU B 88 20.52 -8.95 -2.82
N SER B 89 21.79 -8.56 -2.95
CA SER B 89 22.86 -9.57 -2.98
C SER B 89 23.09 -10.25 -1.63
N GLN B 90 22.70 -9.57 -0.56
CA GLN B 90 22.82 -10.10 0.80
C GLN B 90 21.81 -9.34 1.66
N PRO B 91 21.43 -9.92 2.82
CA PRO B 91 20.48 -9.20 3.65
C PRO B 91 20.97 -7.78 3.90
N LYS B 92 20.06 -6.82 3.86
CA LYS B 92 20.39 -5.43 4.12
C LYS B 92 19.93 -5.09 5.52
N ILE B 93 20.83 -4.54 6.33
CA ILE B 93 20.52 -4.09 7.69
C ILE B 93 20.43 -2.57 7.74
N VAL B 94 19.33 -2.05 8.30
CA VAL B 94 19.16 -0.62 8.50
C VAL B 94 18.92 -0.33 9.98
N LYS B 95 19.84 0.43 10.57
CA LYS B 95 19.79 0.76 12.00
C LYS B 95 18.69 1.76 12.26
N TRP B 96 18.02 1.62 13.40
CA TRP B 96 16.99 2.58 13.77
C TRP B 96 17.61 3.82 14.33
N ASP B 97 17.26 4.95 13.73
CA ASP B 97 17.71 6.26 14.19
C ASP B 97 16.45 7.00 14.61
N ARG B 98 16.38 7.37 15.89
CA ARG B 98 15.21 8.06 16.44
C ARG B 98 14.86 9.38 15.72
N ASP B 99 15.82 9.93 14.99
CA ASP B 99 15.59 11.17 14.22
C ASP B 99 15.54 10.90 12.69
N MET B 100 15.54 9.63 12.30
CA MET B 100 15.72 9.15 10.90
C MET B 100 17.07 9.50 10.26
N ASN C 1 -18.07 -4.30 -0.82
CA ASN C 1 -18.60 -5.53 -1.45
C ASN C 1 -17.73 -6.00 -2.59
N TYR C 2 -17.39 -7.28 -2.56
CA TYR C 2 -16.53 -7.88 -3.59
C TYR C 2 -17.29 -7.99 -4.91
N THR C 3 -16.57 -8.02 -6.01
CA THR C 3 -17.17 -8.26 -7.32
C THR C 3 -17.79 -9.66 -7.39
N PRO C 4 -19.02 -9.76 -7.92
CA PRO C 4 -19.65 -11.06 -8.03
C PRO C 4 -19.15 -11.88 -9.22
N GLY C 5 -19.55 -13.14 -9.27
CA GLY C 5 -19.34 -13.99 -10.43
C GLY C 5 -20.37 -13.76 -11.53
N PRO C 6 -20.21 -14.47 -12.66
CA PRO C 6 -19.11 -15.41 -12.86
C PRO C 6 -17.86 -14.68 -13.33
N GLY C 7 -16.70 -15.21 -12.95
CA GLY C 7 -15.45 -14.78 -13.55
C GLY C 7 -15.31 -15.45 -14.91
N THR C 8 -14.72 -14.73 -15.86
CA THR C 8 -14.41 -15.28 -17.18
C THR C 8 -12.88 -15.38 -17.28
N ARG C 9 -12.39 -16.55 -17.69
CA ARG C 9 -10.97 -16.81 -17.75
C ARG C 9 -10.24 -15.98 -18.83
N PHE C 10 -8.91 -15.92 -18.71
CA PHE C 10 -8.00 -15.29 -19.67
C PHE C 10 -8.08 -15.98 -21.04
#